data_8H79
#
_entry.id   8H79
#
_cell.length_a   63.150
_cell.length_b   63.150
_cell.length_c   117.760
_cell.angle_alpha   90.000
_cell.angle_beta   90.000
_cell.angle_gamma   120.000
#
_symmetry.space_group_name_H-M   'P 3 2 1'
#
loop_
_entity.id
_entity.type
_entity.pdbx_description
1 polymer 'cyanorhodopsin-II (CyR-II) P7104R'
2 non-polymer RETINAL
3 non-polymer 'TETRAETHYLENE GLYCOL'
4 non-polymer HEXANE
5 non-polymer N-OCTANE
6 non-polymer TETRADECANE
7 non-polymer HEXADECANE
8 non-polymer 'SULFATE ION'
9 non-polymer 'CHLORIDE ION'
10 water water
#
_entity_poly.entity_id   1
_entity_poly.type   'polypeptide(L)'
_entity_poly.pdbx_seq_one_letter_code
;GSSGSSGMNLLSQVSFWVGCGILAFGSIVFGLGAWNAKRQSWEEFYIVHFTVTTVAACAYLAMAMGQGEITLQNTDLAAE
GVRHIYWARYCDWIVTTPLILFSICRLSKVRGTMIAGIIMSDVLMIITGAIAAFSFAPERYVWYIVSCMFEVAIFVILLG
AVRTSAMRQHYDVKNLFNLVFTVFSIYFWAYPIVWILGQKGVGLYGTGVESLLIMLLDITAKVFYGFLLLRDRETLQRMG
QLSSVPNSGSGVGNYR
;
_entity_poly.pdbx_strand_id   A
#
# COMPACT_ATOMS: atom_id res chain seq x y z
N MET A 8 -17.21 5.89 -18.18
CA MET A 8 -16.13 5.14 -17.57
C MET A 8 -15.97 3.76 -18.22
N ASN A 9 -14.72 3.35 -18.34
CA ASN A 9 -14.39 2.01 -18.82
C ASN A 9 -15.09 0.96 -17.97
N LEU A 10 -15.63 -0.05 -18.64
CA LEU A 10 -16.36 -1.11 -17.93
C LEU A 10 -15.43 -1.91 -17.03
N LEU A 11 -14.24 -2.25 -17.53
CA LEU A 11 -13.27 -2.97 -16.70
C LEU A 11 -12.89 -2.16 -15.47
N SER A 12 -12.77 -0.83 -15.64
CA SER A 12 -12.56 0.04 -14.49
C SER A 12 -13.74 -0.03 -13.54
N GLN A 13 -14.95 0.13 -14.09
CA GLN A 13 -16.17 0.11 -13.27
C GLN A 13 -16.25 -1.16 -12.43
N VAL A 14 -15.98 -2.31 -13.05
CA VAL A 14 -16.08 -3.58 -12.34
C VAL A 14 -14.97 -3.72 -11.31
N SER A 15 -13.73 -3.35 -11.69
CA SER A 15 -12.62 -3.47 -10.74
C SER A 15 -12.88 -2.63 -9.48
N PHE A 16 -13.51 -1.47 -9.63
CA PHE A 16 -13.77 -0.65 -8.45
C PHE A 16 -14.81 -1.31 -7.55
N TRP A 17 -15.90 -1.81 -8.12
CA TRP A 17 -16.89 -2.50 -7.29
C TRP A 17 -16.30 -3.75 -6.65
N VAL A 18 -15.46 -4.49 -7.39
CA VAL A 18 -14.86 -5.69 -6.82
C VAL A 18 -13.87 -5.35 -5.71
N GLY A 19 -13.07 -4.30 -5.89
CA GLY A 19 -12.15 -3.91 -4.83
C GLY A 19 -12.89 -3.43 -3.59
N CYS A 20 -13.95 -2.65 -3.79
CA CYS A 20 -14.75 -2.17 -2.66
C CYS A 20 -15.27 -3.33 -1.81
N GLY A 21 -15.88 -4.32 -2.46
CA GLY A 21 -16.43 -5.45 -1.72
C GLY A 21 -15.37 -6.28 -1.02
N ILE A 22 -14.23 -6.51 -1.68
CA ILE A 22 -13.17 -7.30 -1.05
C ILE A 22 -12.58 -6.55 0.13
N LEU A 23 -12.30 -5.25 -0.06
CA LEU A 23 -11.81 -4.43 1.04
C LEU A 23 -12.81 -4.40 2.20
N ALA A 24 -14.10 -4.27 1.89
CA ALA A 24 -15.12 -4.26 2.95
C ALA A 24 -15.19 -5.61 3.67
N PHE A 25 -14.87 -6.70 2.98
CA PHE A 25 -14.74 -7.98 3.64
C PHE A 25 -13.59 -7.95 4.64
N GLY A 26 -12.45 -7.38 4.26
CA GLY A 26 -11.34 -7.24 5.20
C GLY A 26 -11.71 -6.40 6.40
N SER A 27 -12.44 -5.30 6.17
CA SER A 27 -12.88 -4.45 7.28
C SER A 27 -13.77 -5.20 8.27
N ILE A 28 -14.59 -6.14 7.77
CA ILE A 28 -15.41 -6.94 8.67
C ILE A 28 -14.53 -7.85 9.53
N VAL A 29 -13.55 -8.50 8.92
CA VAL A 29 -12.63 -9.35 9.68
C VAL A 29 -11.86 -8.54 10.71
N PHE A 30 -11.22 -7.45 10.28
CA PHE A 30 -10.39 -6.71 11.21
C PHE A 30 -11.24 -5.97 12.25
N GLY A 31 -12.39 -5.43 11.84
CA GLY A 31 -13.23 -4.70 12.79
C GLY A 31 -13.77 -5.58 13.90
N LEU A 32 -14.32 -6.75 13.54
CA LEU A 32 -14.83 -7.65 14.56
C LEU A 32 -13.69 -8.23 15.40
N GLY A 33 -12.50 -8.34 14.82
CA GLY A 33 -11.36 -8.75 15.63
C GLY A 33 -11.01 -7.73 16.69
N ALA A 34 -11.05 -6.45 16.32
CA ALA A 34 -10.82 -5.39 17.31
C ALA A 34 -11.90 -5.39 18.38
N TRP A 35 -13.15 -5.59 17.97
CA TRP A 35 -14.26 -5.61 18.93
C TRP A 35 -14.08 -6.73 19.95
N ASN A 36 -13.56 -7.88 19.53
CA ASN A 36 -13.47 -9.05 20.38
C ASN A 36 -12.11 -9.19 21.08
N ALA A 37 -11.12 -8.38 20.71
CA ALA A 37 -9.77 -8.56 21.25
C ALA A 37 -9.71 -8.11 22.71
N LYS A 38 -9.06 -8.92 23.54
CA LYS A 38 -8.89 -8.62 24.95
C LYS A 38 -7.53 -8.02 25.27
N ARG A 39 -6.48 -8.46 24.57
CA ARG A 39 -5.14 -7.93 24.79
C ARG A 39 -4.93 -6.65 24.00
N GLN A 40 -4.25 -5.67 24.63
CA GLN A 40 -4.03 -4.38 23.99
C GLN A 40 -3.29 -4.52 22.67
N SER A 41 -2.32 -5.45 22.60
CA SER A 41 -1.51 -5.56 21.39
C SER A 41 -2.30 -6.13 20.22
N TRP A 42 -3.36 -6.90 20.51
CA TRP A 42 -4.26 -7.35 19.46
C TRP A 42 -5.25 -6.26 19.07
N GLU A 43 -5.72 -5.48 20.05
CA GLU A 43 -6.55 -4.32 19.75
C GLU A 43 -5.82 -3.37 18.79
N GLU A 44 -4.55 -3.08 19.07
CA GLU A 44 -3.79 -2.20 18.18
C GLU A 44 -3.64 -2.79 16.79
N PHE A 45 -3.31 -4.08 16.71
CA PHE A 45 -3.13 -4.72 15.41
C PHE A 45 -4.40 -4.61 14.57
N TYR A 46 -5.54 -4.97 15.16
CA TYR A 46 -6.80 -4.97 14.42
C TYR A 46 -7.23 -3.55 14.07
N ILE A 47 -7.03 -2.60 14.97
CA ILE A 47 -7.45 -1.23 14.68
C ILE A 47 -6.64 -0.66 13.52
N VAL A 48 -5.33 -0.89 13.53
CA VAL A 48 -4.48 -0.45 12.42
C VAL A 48 -4.98 -1.04 11.11
N HIS A 49 -5.15 -2.36 11.07
CA HIS A 49 -5.53 -2.98 9.80
C HIS A 49 -6.98 -2.73 9.43
N PHE A 50 -7.84 -2.43 10.41
CA PHE A 50 -9.20 -2.00 10.07
C PHE A 50 -9.19 -0.65 9.37
N THR A 51 -8.40 0.30 9.89
CA THR A 51 -8.25 1.59 9.21
C THR A 51 -7.75 1.40 7.78
N VAL A 52 -6.81 0.48 7.57
CA VAL A 52 -6.24 0.27 6.24
C VAL A 52 -7.32 -0.12 5.23
N THR A 53 -8.08 -1.17 5.54
CA THR A 53 -9.08 -1.64 4.59
C THR A 53 -10.24 -0.67 4.47
N THR A 54 -10.62 -0.01 5.57
CA THR A 54 -11.80 0.85 5.56
C THR A 54 -11.55 2.14 4.78
N VAL A 55 -10.36 2.74 4.94
CA VAL A 55 -10.02 3.93 4.17
C VAL A 55 -9.97 3.60 2.68
N ALA A 56 -9.35 2.48 2.32
CA ALA A 56 -9.33 2.07 0.92
C ALA A 56 -10.73 1.73 0.41
N ALA A 57 -11.55 1.06 1.23
CA ALA A 57 -12.90 0.73 0.80
C ALA A 57 -13.71 1.99 0.51
N CYS A 58 -13.49 3.06 1.29
CA CYS A 58 -14.14 4.33 1.02
C CYS A 58 -13.67 4.93 -0.30
N ALA A 59 -12.36 4.90 -0.54
CA ALA A 59 -11.82 5.42 -1.80
C ALA A 59 -12.34 4.63 -2.99
N TYR A 60 -12.41 3.29 -2.88
CA TYR A 60 -12.96 2.49 -3.98
C TYR A 60 -14.46 2.74 -4.17
N LEU A 61 -15.19 3.00 -3.09
CA LEU A 61 -16.61 3.31 -3.24
C LEU A 61 -16.79 4.60 -4.03
N ALA A 62 -15.97 5.62 -3.73
CA ALA A 62 -16.04 6.87 -4.47
C ALA A 62 -15.73 6.66 -5.95
N MET A 63 -14.66 5.94 -6.26
CA MET A 63 -14.33 5.72 -7.66
C MET A 63 -15.40 4.86 -8.36
N ALA A 64 -15.91 3.84 -7.67
CA ALA A 64 -16.98 3.02 -8.24
C ALA A 64 -18.20 3.86 -8.62
N MET A 65 -18.48 4.90 -7.85
CA MET A 65 -19.62 5.77 -8.10
C MET A 65 -19.29 6.92 -9.04
N GLY A 66 -18.11 6.93 -9.63
CA GLY A 66 -17.76 7.95 -10.60
C GLY A 66 -17.20 9.22 -10.02
N GLN A 67 -16.67 9.18 -8.80
CA GLN A 67 -16.09 10.34 -8.15
C GLN A 67 -14.58 10.17 -8.00
N GLY A 68 -13.92 11.23 -7.55
CA GLY A 68 -12.51 11.17 -7.25
C GLY A 68 -11.58 11.04 -8.45
N GLU A 69 -12.05 11.39 -9.64
CA GLU A 69 -11.26 11.27 -10.87
C GLU A 69 -11.22 12.59 -11.60
N ILE A 70 -10.08 12.86 -12.25
CA ILE A 70 -9.93 14.00 -13.15
C ILE A 70 -9.13 13.55 -14.36
N THR A 71 -9.60 13.90 -15.56
CA THR A 71 -8.97 13.52 -16.81
C THR A 71 -8.14 14.68 -17.35
N LEU A 72 -6.88 14.41 -17.69
CA LEU A 72 -5.95 15.45 -18.12
C LEU A 72 -5.35 15.11 -19.49
N GLN A 73 -5.05 16.17 -20.26
CA GLN A 73 -4.45 16.01 -21.58
C GLN A 73 -2.97 15.66 -21.49
N ASN A 74 -2.51 14.83 -22.43
CA ASN A 74 -1.11 14.48 -22.56
C ASN A 74 -0.43 15.32 -23.64
N THR A 75 0.86 15.61 -23.45
CA THR A 75 1.67 16.33 -24.42
C THR A 75 2.31 15.37 -25.42
N ASP A 76 3.13 15.92 -26.31
CA ASP A 76 3.85 15.12 -27.29
C ASP A 76 4.97 14.30 -26.67
N LEU A 77 5.44 14.67 -25.48
CA LEU A 77 6.43 13.87 -24.76
C LEU A 77 5.81 12.79 -23.92
N ALA A 78 4.62 12.32 -24.29
CA ALA A 78 3.84 11.41 -23.47
C ALA A 78 3.10 10.44 -24.37
N ALA A 79 2.45 9.47 -23.75
CA ALA A 79 1.65 8.51 -24.50
C ALA A 79 0.50 9.22 -25.21
N GLU A 80 0.08 8.64 -26.34
CA GLU A 80 -1.02 9.21 -27.10
C GLU A 80 -2.30 9.15 -26.28
N GLY A 81 -3.04 10.26 -26.24
CA GLY A 81 -4.33 10.30 -25.59
C GLY A 81 -4.40 11.18 -24.36
N VAL A 82 -5.02 10.66 -23.30
CA VAL A 82 -5.21 11.39 -22.05
C VAL A 82 -4.80 10.49 -20.89
N ARG A 83 -4.72 11.09 -19.71
CA ARG A 83 -4.48 10.33 -18.49
C ARG A 83 -5.68 10.52 -17.58
N HIS A 84 -6.20 9.42 -17.04
CA HIS A 84 -7.26 9.44 -16.05
C HIS A 84 -6.58 9.40 -14.69
N ILE A 85 -6.61 10.53 -13.97
CA ILE A 85 -6.00 10.63 -12.65
C ILE A 85 -7.08 10.38 -11.61
N TYR A 86 -6.99 9.26 -10.92
CA TYR A 86 -7.86 8.95 -9.80
C TYR A 86 -7.17 9.50 -8.56
N TRP A 87 -7.39 10.78 -8.28
CA TRP A 87 -6.70 11.40 -7.15
C TRP A 87 -7.16 10.83 -5.82
N ALA A 88 -8.33 10.17 -5.77
CA ALA A 88 -8.75 9.47 -4.55
C ALA A 88 -7.72 8.42 -4.12
N ARG A 89 -6.96 7.88 -5.07
CA ARG A 89 -5.94 6.88 -4.76
C ARG A 89 -4.89 7.41 -3.81
N TYR A 90 -4.45 8.64 -4.05
CA TYR A 90 -3.36 9.18 -3.26
C TYR A 90 -3.85 9.61 -1.88
N CYS A 91 -5.10 10.08 -1.78
CA CYS A 91 -5.69 10.33 -0.46
C CYS A 91 -5.74 9.05 0.36
N ASP A 92 -6.11 7.94 -0.28
CA ASP A 92 -6.09 6.63 0.35
C ASP A 92 -4.66 6.23 0.74
N TRP A 93 -3.73 6.34 -0.21
CA TRP A 93 -2.37 5.83 0.00
C TRP A 93 -1.61 6.61 1.07
N ILE A 94 -1.81 7.93 1.14
CA ILE A 94 -1.04 8.71 2.11
C ILE A 94 -1.36 8.30 3.54
N VAL A 95 -2.51 7.68 3.77
CA VAL A 95 -2.91 7.20 5.09
C VAL A 95 -2.65 5.71 5.26
N THR A 96 -2.91 4.90 4.23
CA THR A 96 -2.86 3.46 4.42
C THR A 96 -1.45 2.89 4.32
N THR A 97 -0.57 3.49 3.50
CA THR A 97 0.75 2.86 3.39
C THR A 97 1.60 3.11 4.64
N PRO A 98 1.55 4.29 5.28
CA PRO A 98 2.27 4.41 6.56
C PRO A 98 1.73 3.48 7.64
N LEU A 99 0.44 3.12 7.59
CA LEU A 99 -0.09 2.19 8.58
C LEU A 99 0.36 0.75 8.35
N ILE A 100 0.48 0.33 7.09
CA ILE A 100 1.03 -1.00 6.78
C ILE A 100 2.48 -1.10 7.25
N LEU A 101 3.28 -0.05 6.97
CA LEU A 101 4.66 -0.05 7.43
C LEU A 101 4.74 -0.01 8.96
N PHE A 102 3.87 0.78 9.59
CA PHE A 102 3.83 0.79 11.05
C PHE A 102 3.57 -0.61 11.60
N SER A 103 2.64 -1.35 10.97
CA SER A 103 2.34 -2.70 11.45
C SER A 103 3.55 -3.62 11.33
N ILE A 104 4.26 -3.58 10.20
CA ILE A 104 5.46 -4.41 10.03
C ILE A 104 6.51 -4.03 11.07
N CYS A 105 6.67 -2.72 11.32
CA CYS A 105 7.65 -2.26 12.30
C CYS A 105 7.30 -2.71 13.71
N ARG A 106 6.02 -2.69 14.08
CA ARG A 106 5.63 -3.14 15.41
C ARG A 106 5.87 -4.64 15.56
N LEU A 107 5.55 -5.42 14.54
CA LEU A 107 5.84 -6.85 14.55
C LEU A 107 7.33 -7.11 14.71
N SER A 108 8.18 -6.28 14.10
CA SER A 108 9.61 -6.44 14.21
C SER A 108 10.17 -5.91 15.53
N LYS A 109 9.39 -5.08 16.25
CA LYS A 109 9.78 -4.50 17.53
C LYS A 109 10.98 -3.54 17.39
N VAL A 110 11.02 -2.79 16.28
CA VAL A 110 12.12 -1.89 16.01
C VAL A 110 11.93 -0.59 16.79
N ARG A 111 13.06 0.08 17.06
CA ARG A 111 13.03 1.33 17.80
C ARG A 111 12.24 2.39 17.05
N GLY A 112 11.72 3.36 17.80
CA GLY A 112 10.80 4.35 17.23
C GLY A 112 11.41 5.26 16.19
N THR A 113 12.72 5.52 16.26
CA THR A 113 13.34 6.39 15.28
C THR A 113 13.26 5.82 13.88
N MET A 114 13.32 4.49 13.76
CA MET A 114 13.20 3.86 12.45
C MET A 114 11.77 3.93 11.95
N ILE A 115 10.80 3.80 12.86
CA ILE A 115 9.39 3.96 12.48
C ILE A 115 9.14 5.35 11.92
N ALA A 116 9.65 6.37 12.62
CA ALA A 116 9.47 7.75 12.15
C ALA A 116 10.15 7.98 10.81
N GLY A 117 11.34 7.40 10.62
CA GLY A 117 12.03 7.59 9.35
C GLY A 117 11.32 6.91 8.20
N ILE A 118 10.81 5.70 8.42
CA ILE A 118 10.17 4.98 7.33
C ILE A 118 8.82 5.60 6.99
N ILE A 119 8.09 6.12 7.98
CA ILE A 119 6.82 6.79 7.70
C ILE A 119 7.05 8.06 6.90
N MET A 120 8.08 8.83 7.26
CA MET A 120 8.39 10.07 6.55
C MET A 120 8.72 9.80 5.09
N SER A 121 9.62 8.84 4.84
CA SER A 121 9.96 8.46 3.47
C SER A 121 8.72 8.06 2.69
N ASP A 122 7.82 7.33 3.34
CA ASP A 122 6.63 6.82 2.65
C ASP A 122 5.67 7.95 2.29
N VAL A 123 5.42 8.87 3.24
CA VAL A 123 4.50 9.97 2.97
C VAL A 123 5.02 10.82 1.82
N LEU A 124 6.33 11.07 1.78
CA LEU A 124 6.91 11.85 0.70
C LEU A 124 6.86 11.11 -0.63
N MET A 125 7.01 9.77 -0.59
CA MET A 125 6.84 8.98 -1.80
C MET A 125 5.45 9.18 -2.40
N ILE A 126 4.42 9.15 -1.56
CA ILE A 126 3.05 9.30 -2.04
C ILE A 126 2.79 10.72 -2.54
N ILE A 127 3.24 11.73 -1.78
CA ILE A 127 3.02 13.13 -2.17
C ILE A 127 3.67 13.44 -3.51
N THR A 128 4.93 13.05 -3.69
CA THR A 128 5.58 13.31 -4.97
C THR A 128 4.96 12.46 -6.08
N GLY A 129 4.43 11.28 -5.75
CA GLY A 129 3.68 10.52 -6.73
C GLY A 129 2.45 11.25 -7.23
N ALA A 130 1.70 11.89 -6.32
CA ALA A 130 0.53 12.66 -6.71
C ALA A 130 0.91 13.90 -7.49
N ILE A 131 2.00 14.57 -7.11
CA ILE A 131 2.51 15.67 -7.93
C ILE A 131 2.85 15.17 -9.33
N ALA A 132 3.55 14.04 -9.42
CA ALA A 132 3.85 13.43 -10.71
C ALA A 132 2.58 13.26 -11.55
N ALA A 133 1.54 12.68 -10.94
CA ALA A 133 0.33 12.35 -11.68
C ALA A 133 -0.35 13.59 -12.25
N PHE A 134 -0.37 14.68 -11.49
CA PHE A 134 -0.97 15.92 -11.97
C PHE A 134 -0.08 16.70 -12.93
N SER A 135 1.23 16.43 -12.94
CA SER A 135 2.16 17.17 -13.78
C SER A 135 2.08 16.74 -15.25
N PHE A 136 2.37 17.68 -16.14
CA PHE A 136 2.69 17.38 -17.52
C PHE A 136 4.14 16.89 -17.62
N ALA A 137 4.44 16.20 -18.72
CA ALA A 137 5.82 15.91 -19.04
C ALA A 137 6.53 17.19 -19.48
N PRO A 138 7.84 17.31 -19.22
CA PRO A 138 8.74 16.36 -18.55
C PRO A 138 8.67 16.39 -17.02
N GLU A 139 7.94 17.31 -16.41
CA GLU A 139 7.91 17.39 -14.95
C GLU A 139 7.41 16.09 -14.33
N ARG A 140 6.37 15.50 -14.93
CA ARG A 140 5.85 14.23 -14.43
C ARG A 140 6.97 13.19 -14.28
N TYR A 141 7.90 13.14 -15.24
CA TYR A 141 8.97 12.15 -15.18
C TYR A 141 9.99 12.48 -14.10
N VAL A 142 10.29 13.77 -13.92
CA VAL A 142 11.19 14.18 -12.83
C VAL A 142 10.61 13.75 -11.48
N TRP A 143 9.33 14.06 -11.25
CA TRP A 143 8.71 13.69 -9.99
C TRP A 143 8.59 12.18 -9.83
N TYR A 144 8.34 11.45 -10.92
CA TYR A 144 8.29 10.00 -10.84
C TYR A 144 9.60 9.43 -10.30
N ILE A 145 10.73 9.99 -10.75
CA ILE A 145 12.04 9.51 -10.30
C ILE A 145 12.26 9.87 -8.83
N VAL A 146 11.89 11.09 -8.45
CA VAL A 146 11.99 11.50 -7.05
C VAL A 146 11.17 10.58 -6.15
N SER A 147 9.94 10.27 -6.57
CA SER A 147 9.13 9.33 -5.82
C SER A 147 9.81 7.97 -5.71
N CYS A 148 10.45 7.52 -6.80
CA CYS A 148 11.10 6.21 -6.74
C CYS A 148 12.28 6.21 -5.78
N MET A 149 12.97 7.35 -5.65
CA MET A 149 14.10 7.43 -4.71
C MET A 149 13.63 7.43 -3.26
N PHE A 150 12.48 8.04 -2.98
CA PHE A 150 11.89 7.88 -1.64
C PHE A 150 11.53 6.42 -1.38
N GLU A 151 11.13 5.68 -2.41
CA GLU A 151 10.86 4.26 -2.21
C GLU A 151 12.14 3.51 -1.90
N VAL A 152 13.26 3.88 -2.53
CA VAL A 152 14.54 3.27 -2.17
C VAL A 152 14.84 3.53 -0.70
N ALA A 153 14.58 4.74 -0.22
CA ALA A 153 14.86 5.06 1.17
C ALA A 153 13.99 4.25 2.12
N ILE A 154 12.77 3.90 1.72
CA ILE A 154 11.95 3.02 2.55
C ILE A 154 12.64 1.67 2.73
N PHE A 155 13.19 1.13 1.64
CA PHE A 155 13.76 -0.21 1.70
C PHE A 155 15.14 -0.26 2.36
N VAL A 156 15.93 0.82 2.30
CA VAL A 156 17.18 0.81 3.05
C VAL A 156 16.90 0.75 4.54
N ILE A 157 15.81 1.38 5.00
CA ILE A 157 15.42 1.28 6.40
C ILE A 157 14.82 -0.09 6.70
N LEU A 158 13.97 -0.59 5.80
CA LEU A 158 13.22 -1.81 6.08
C LEU A 158 14.12 -3.04 6.06
N LEU A 159 14.80 -3.26 4.94
CA LEU A 159 15.70 -4.40 4.83
C LEU A 159 16.97 -4.22 5.66
N GLY A 160 17.21 -3.03 6.20
CA GLY A 160 18.32 -2.79 7.09
C GLY A 160 17.91 -2.90 8.54
N ALA A 161 17.60 -1.77 9.18
CA ALA A 161 17.41 -1.74 10.63
C ALA A 161 16.18 -2.53 11.06
N VAL A 162 15.07 -2.45 10.31
CA VAL A 162 13.84 -3.12 10.74
C VAL A 162 14.01 -4.64 10.72
N ARG A 163 14.46 -5.18 9.58
CA ARG A 163 14.72 -6.61 9.48
C ARG A 163 15.72 -7.06 10.55
N THR A 164 16.81 -6.32 10.70
CA THR A 164 17.83 -6.69 11.68
C THR A 164 17.23 -6.80 13.07
N SER A 165 16.44 -5.81 13.47
CA SER A 165 15.78 -5.85 14.78
C SER A 165 14.76 -6.98 14.85
N ALA A 166 14.18 -7.37 13.72
CA ALA A 166 13.26 -8.51 13.72
C ALA A 166 13.99 -9.82 13.96
N MET A 167 15.15 -10.01 13.33
CA MET A 167 15.92 -11.23 13.56
C MET A 167 16.55 -11.25 14.95
N ARG A 168 16.97 -10.09 15.47
CA ARG A 168 17.68 -10.05 16.74
C ARG A 168 16.75 -10.39 17.91
N GLN A 169 15.53 -9.85 17.90
CA GLN A 169 14.63 -9.96 19.05
C GLN A 169 13.66 -11.12 18.95
N HIS A 170 13.85 -12.04 18.01
CA HIS A 170 13.01 -13.22 17.88
C HIS A 170 13.88 -14.43 17.59
N TYR A 171 13.40 -15.60 18.01
CA TYR A 171 14.16 -16.84 17.83
C TYR A 171 13.36 -17.82 16.99
N ASP A 172 14.06 -18.51 16.09
CA ASP A 172 13.51 -19.64 15.34
C ASP A 172 12.38 -19.21 14.39
N VAL A 173 12.41 -17.97 13.90
CA VAL A 173 11.36 -17.51 13.00
C VAL A 173 11.96 -16.75 11.83
N LYS A 174 13.14 -17.18 11.36
CA LYS A 174 13.76 -16.52 10.22
C LYS A 174 12.90 -16.64 8.97
N ASN A 175 12.36 -17.83 8.70
CA ASN A 175 11.51 -18.03 7.53
C ASN A 175 10.22 -17.22 7.62
N LEU A 176 9.66 -17.07 8.83
CA LEU A 176 8.48 -16.24 9.02
C LEU A 176 8.75 -14.81 8.61
N PHE A 177 9.82 -14.21 9.13
CA PHE A 177 10.09 -12.82 8.85
C PHE A 177 10.59 -12.64 7.42
N ASN A 178 11.31 -13.62 6.88
CA ASN A 178 11.70 -13.59 5.48
C ASN A 178 10.50 -13.44 4.56
N LEU A 179 9.42 -14.17 4.83
CA LEU A 179 8.22 -14.04 4.01
C LEU A 179 7.57 -12.66 4.22
N VAL A 180 7.60 -12.15 5.45
CA VAL A 180 7.00 -10.84 5.73
C VAL A 180 7.67 -9.76 4.89
N PHE A 181 9.00 -9.71 4.88
CA PHE A 181 9.69 -8.68 4.13
C PHE A 181 9.72 -8.98 2.63
N THR A 182 9.76 -10.25 2.23
CA THR A 182 9.83 -10.56 0.80
C THR A 182 8.51 -10.28 0.11
N VAL A 183 7.39 -10.68 0.70
CA VAL A 183 6.09 -10.43 0.06
C VAL A 183 5.82 -8.93 -0.03
N PHE A 184 6.10 -8.19 1.05
CA PHE A 184 5.98 -6.73 1.00
C PHE A 184 6.85 -6.14 -0.10
N SER A 185 8.12 -6.56 -0.15
CA SER A 185 9.04 -6.03 -1.14
C SER A 185 8.48 -6.17 -2.55
N ILE A 186 7.83 -7.30 -2.84
CA ILE A 186 7.40 -7.58 -4.20
C ILE A 186 6.23 -6.69 -4.61
N TYR A 187 5.15 -6.67 -3.80
CA TYR A 187 4.02 -5.84 -4.23
C TYR A 187 4.35 -4.36 -4.15
N PHE A 188 5.24 -3.95 -3.24
CA PHE A 188 5.56 -2.52 -3.15
C PHE A 188 6.28 -2.03 -4.40
N TRP A 189 7.20 -2.81 -4.93
CA TRP A 189 7.90 -2.39 -6.14
C TRP A 189 7.04 -2.51 -7.39
N ALA A 190 5.95 -3.29 -7.32
CA ALA A 190 5.10 -3.42 -8.50
C ALA A 190 4.32 -2.14 -8.79
N TYR A 191 3.97 -1.36 -7.76
CA TYR A 191 3.18 -0.15 -7.98
C TYR A 191 3.85 0.82 -8.95
N PRO A 192 5.11 1.22 -8.78
CA PRO A 192 5.69 2.15 -9.77
C PRO A 192 5.80 1.55 -11.16
N ILE A 193 5.92 0.24 -11.27
CA ILE A 193 5.96 -0.38 -12.60
C ILE A 193 4.59 -0.29 -13.25
N VAL A 194 3.54 -0.67 -12.52
CA VAL A 194 2.19 -0.60 -13.07
C VAL A 194 1.86 0.82 -13.50
N TRP A 195 2.30 1.79 -12.70
CA TRP A 195 2.04 3.21 -12.96
C TRP A 195 2.70 3.68 -14.25
N ILE A 196 3.97 3.34 -14.44
CA ILE A 196 4.72 3.88 -15.58
C ILE A 196 4.41 3.16 -16.89
N LEU A 197 3.83 1.97 -16.85
CA LEU A 197 3.46 1.29 -18.09
C LEU A 197 2.09 1.71 -18.61
N GLY A 198 1.33 2.47 -17.81
CA GLY A 198 0.06 3.02 -18.26
C GLY A 198 0.23 4.38 -18.90
N GLN A 199 -0.90 5.06 -19.07
CA GLN A 199 -0.92 6.33 -19.79
C GLN A 199 -0.06 7.41 -19.15
N LYS A 200 0.28 7.28 -17.86
CA LYS A 200 1.15 8.27 -17.23
C LYS A 200 2.61 8.11 -17.62
N GLY A 201 2.97 7.00 -18.24
CA GLY A 201 4.32 6.84 -18.77
C GLY A 201 4.33 6.34 -20.19
N VAL A 202 4.70 5.10 -20.37
CA VAL A 202 4.65 4.45 -21.66
C VAL A 202 3.23 3.97 -21.91
N GLY A 203 2.72 4.15 -23.10
CA GLY A 203 1.32 3.79 -23.30
C GLY A 203 1.07 2.32 -23.55
N LEU A 204 1.62 1.44 -22.69
CA LEU A 204 1.51 0.01 -22.94
C LEU A 204 0.07 -0.48 -22.80
N TYR A 205 -0.66 0.03 -21.81
CA TYR A 205 -2.07 -0.28 -21.65
C TYR A 205 -2.79 0.98 -21.15
N GLY A 206 -4.12 0.95 -21.22
CA GLY A 206 -4.94 2.08 -20.86
C GLY A 206 -5.45 2.01 -19.42
N THR A 207 -6.44 2.86 -19.14
CA THR A 207 -6.85 3.08 -17.76
C THR A 207 -7.62 1.88 -17.20
N GLY A 208 -8.25 1.07 -18.06
CA GLY A 208 -8.95 -0.10 -17.59
C GLY A 208 -8.01 -1.16 -17.03
N VAL A 209 -6.97 -1.53 -17.80
CA VAL A 209 -6.03 -2.52 -17.32
C VAL A 209 -5.29 -2.02 -16.09
N GLU A 210 -4.88 -0.74 -16.11
CA GLU A 210 -4.21 -0.18 -14.94
C GLU A 210 -5.11 -0.25 -13.70
N SER A 211 -6.39 0.07 -13.85
CA SER A 211 -7.29 0.01 -12.70
C SER A 211 -7.40 -1.41 -12.16
N LEU A 212 -7.41 -2.40 -13.07
CA LEU A 212 -7.45 -3.81 -12.65
C LEU A 212 -6.17 -4.20 -11.91
N LEU A 213 -5.01 -3.79 -12.42
CA LEU A 213 -3.75 -4.17 -11.80
C LEU A 213 -3.59 -3.54 -10.43
N ILE A 214 -3.93 -2.25 -10.31
CA ILE A 214 -3.85 -1.59 -9.00
C ILE A 214 -4.77 -2.27 -8.00
N MET A 215 -6.00 -2.61 -8.43
CA MET A 215 -6.96 -3.25 -7.53
C MET A 215 -6.42 -4.58 -7.01
N LEU A 216 -5.78 -5.36 -7.89
CA LEU A 216 -5.19 -6.63 -7.46
C LEU A 216 -4.06 -6.40 -6.46
N LEU A 217 -3.24 -5.38 -6.70
CA LEU A 217 -2.19 -5.01 -5.73
C LEU A 217 -2.81 -4.57 -4.41
N ASP A 218 -3.86 -3.75 -4.47
CA ASP A 218 -4.47 -3.20 -3.26
C ASP A 218 -5.07 -4.29 -2.37
N ILE A 219 -5.78 -5.25 -2.95
CA ILE A 219 -6.37 -6.28 -2.10
C ILE A 219 -5.28 -7.21 -1.57
N THR A 220 -4.22 -7.41 -2.35
CA THR A 220 -3.09 -8.20 -1.86
C THR A 220 -2.45 -7.54 -0.65
N ALA A 221 -2.20 -6.24 -0.75
CA ALA A 221 -1.46 -5.53 0.30
C ALA A 221 -2.31 -5.34 1.55
N LYS A 222 -3.61 -5.11 1.39
CA LYS A 222 -4.42 -4.68 2.53
C LYS A 222 -5.24 -5.82 3.16
N VAL A 223 -5.68 -6.79 2.37
CA VAL A 223 -6.47 -7.88 2.92
C VAL A 223 -5.59 -9.12 3.14
N PHE A 224 -5.01 -9.64 2.08
CA PHE A 224 -4.30 -10.92 2.19
C PHE A 224 -2.99 -10.79 2.97
N TYR A 225 -2.22 -9.72 2.73
CA TYR A 225 -1.04 -9.49 3.55
C TYR A 225 -1.41 -9.26 5.00
N GLY A 226 -2.53 -8.56 5.25
CA GLY A 226 -3.01 -8.42 6.62
C GLY A 226 -3.30 -9.76 7.27
N PHE A 227 -3.91 -10.68 6.54
CA PHE A 227 -4.14 -12.02 7.09
C PHE A 227 -2.83 -12.73 7.37
N LEU A 228 -1.81 -12.51 6.52
CA LEU A 228 -0.50 -13.10 6.78
C LEU A 228 0.10 -12.58 8.07
N LEU A 229 0.01 -11.27 8.32
CA LEU A 229 0.53 -10.73 9.57
C LEU A 229 -0.27 -11.23 10.76
N LEU A 230 -1.58 -11.40 10.58
CA LEU A 230 -2.42 -11.98 11.62
C LEU A 230 -1.93 -13.37 12.01
N ARG A 231 -1.78 -14.25 11.01
CA ARG A 231 -1.31 -15.61 11.28
C ARG A 231 0.08 -15.59 11.92
N ASP A 232 0.96 -14.70 11.48
CA ASP A 232 2.29 -14.61 12.07
C ASP A 232 2.22 -14.18 13.53
N ARG A 233 1.34 -13.23 13.87
CA ARG A 233 1.17 -12.84 15.26
C ARG A 233 0.73 -14.02 16.12
N GLU A 234 -0.22 -14.82 15.60
CA GLU A 234 -0.66 -16.02 16.32
C GLU A 234 0.49 -16.99 16.55
N THR A 235 1.30 -17.23 15.52
CA THR A 235 2.46 -18.11 15.67
C THR A 235 3.39 -17.61 16.76
N LEU A 236 3.75 -16.32 16.74
CA LEU A 236 4.65 -15.79 17.74
C LEU A 236 4.03 -15.88 19.14
N GLN A 237 2.72 -15.67 19.25
CA GLN A 237 2.07 -15.74 20.55
C GLN A 237 2.09 -17.15 21.12
N ARG A 238 1.77 -18.15 20.28
CA ARG A 238 1.87 -19.53 20.73
C ARG A 238 3.30 -19.94 21.06
N MET A 239 4.29 -19.25 20.51
CA MET A 239 5.68 -19.50 20.90
C MET A 239 6.08 -18.71 22.14
N GLY A 240 5.36 -17.64 22.47
CA GLY A 240 5.66 -16.86 23.65
C GLY A 240 6.60 -15.70 23.44
N GLN A 241 6.78 -15.23 22.21
CA GLN A 241 7.66 -14.11 21.92
C GLN A 241 6.91 -13.03 21.15
N LEU A 242 5.67 -12.75 21.56
CA LEU A 242 4.89 -11.70 20.93
C LEU A 242 5.09 -10.34 21.61
N SER A 243 5.12 -10.31 22.93
CA SER A 243 5.38 -9.07 23.66
C SER A 243 6.17 -9.34 24.94
#